data_4FK3
#
_entry.id   4FK3
#
_cell.length_a   51.205
_cell.length_b   105.409
_cell.length_c   110.473
_cell.angle_alpha   90.00
_cell.angle_beta   90.00
_cell.angle_gamma   90.00
#
_symmetry.space_group_name_H-M   'P 21 21 21'
#
loop_
_entity.id
_entity.type
_entity.pdbx_description
1 polymer 'Serine/threonine-protein kinase B-raf'
2 non-polymer N-{2,4-difluoro-3-[(5-pyridin-3-yl-1H-pyrrolo[2,3-b]pyridin-3-yl)carbonyl]phenyl}ethanesulfonamide
3 water water
#
_entity_poly.entity_id   1
_entity_poly.type   'polypeptide(L)'
_entity_poly.pdbx_seq_one_letter_code
;MKKGHHHHHHGSRDSSDDWEIPDGQITVGQRIGSGSFGTVYKGKWHGDVAVKMLNVTAPTPQQLQAFKNEVGVLRKTRHV
NILLFMGYSTKPQLAIVTQWCEGSSLYHHLHASETKFEMKKLIDIARQTARGMDYLHAKSIIHRDLKSNNIFLHEDNTVK
IGDFGLATEKSRWSGSHQFEQLSGSILWMAPEVIRMQDSNPYSFQSDVYAFGIVLYELMTGQLPYSNINNRDQIIEMVGR
GSLSPDLSKVRSNCPKRMKRLMAECLKKKRDERPSFPRILAEIEELARELSG
;
_entity_poly.pdbx_strand_id   A,B
#
# COMPACT_ATOMS: atom_id res chain seq x y z
N ASP A 17 8.74 -15.83 5.97
CA ASP A 17 9.95 -16.17 6.71
C ASP A 17 10.11 -15.24 7.91
N ASP A 18 11.11 -14.37 7.85
CA ASP A 18 11.33 -13.38 8.88
C ASP A 18 11.38 -11.96 8.33
N TRP A 19 10.70 -11.05 9.00
CA TRP A 19 10.61 -9.67 8.56
C TRP A 19 11.44 -8.73 9.42
N GLU A 20 12.40 -9.29 10.15
CA GLU A 20 13.27 -8.48 10.99
C GLU A 20 14.23 -7.64 10.15
N ILE A 21 14.39 -6.38 10.55
CA ILE A 21 15.30 -5.46 9.89
C ILE A 21 16.53 -5.28 10.78
N PRO A 22 17.69 -5.77 10.31
CA PRO A 22 18.95 -5.76 11.07
C PRO A 22 19.32 -4.38 11.59
N ASP A 23 20.03 -4.35 12.70
CA ASP A 23 20.41 -3.11 13.36
C ASP A 23 21.22 -2.23 12.42
N GLY A 24 20.86 -0.95 12.37
CA GLY A 24 21.61 0.02 11.60
C GLY A 24 21.05 0.31 10.22
N GLN A 25 20.01 -0.44 9.83
CA GLN A 25 19.42 -0.27 8.50
C GLN A 25 18.48 0.93 8.41
N ILE A 26 17.90 1.32 9.54
CA ILE A 26 16.91 2.40 9.56
C ILE A 26 17.48 3.66 10.17
N THR A 27 17.41 4.76 9.43
CA THR A 27 17.85 6.05 9.96
C THR A 27 16.67 6.73 10.64
N VAL A 28 16.58 6.57 11.95
CA VAL A 28 15.48 7.15 12.72
C VAL A 28 15.61 8.67 12.72
N GLY A 29 14.49 9.35 12.50
CA GLY A 29 14.50 10.80 12.37
C GLY A 29 13.76 11.55 13.47
N GLN A 30 12.78 12.35 13.05
CA GLN A 30 12.04 13.21 13.96
C GLN A 30 10.98 12.47 14.77
N ARG A 31 10.86 12.85 16.04
CA ARG A 31 9.84 12.27 16.91
C ARG A 31 8.48 12.82 16.50
N ILE A 32 7.57 11.93 16.13
CA ILE A 32 6.26 12.34 15.66
C ILE A 32 5.27 12.43 16.82
N GLY A 33 5.18 11.37 17.61
CA GLY A 33 4.26 11.33 18.72
C GLY A 33 4.47 10.16 19.67
N SER A 34 3.73 10.18 20.77
CA SER A 34 3.78 9.10 21.74
C SER A 34 2.39 8.51 21.97
N GLY A 35 2.35 7.22 22.28
CA GLY A 35 1.11 6.54 22.60
C GLY A 35 1.27 5.80 23.90
N SER A 36 0.20 5.13 24.34
CA SER A 36 0.26 4.36 25.58
C SER A 36 1.37 3.30 25.43
N PHE A 37 1.40 2.66 24.27
CA PHE A 37 2.53 1.81 23.95
C PHE A 37 3.21 2.28 22.67
N GLY A 38 4.48 2.68 22.79
CA GLY A 38 5.27 3.09 21.66
C GLY A 38 5.48 4.59 21.51
N THR A 39 6.55 4.94 20.82
CA THR A 39 6.81 6.31 20.39
C THR A 39 7.04 6.26 18.90
N VAL A 40 6.43 7.17 18.16
CA VAL A 40 6.48 7.13 16.70
C VAL A 40 7.47 8.12 16.13
N TYR A 41 8.35 7.62 15.27
CA TYR A 41 9.34 8.45 14.60
C TYR A 41 9.21 8.27 13.09
N LYS A 42 9.66 9.27 12.34
CA LYS A 42 9.74 9.14 10.89
C LYS A 42 11.12 8.56 10.55
N GLY A 43 11.16 7.65 9.59
CA GLY A 43 12.38 6.91 9.33
C GLY A 43 12.85 6.83 7.89
N LYS A 44 14.08 6.35 7.73
CA LYS A 44 14.69 6.16 6.43
C LYS A 44 15.01 4.69 6.20
N TRP A 45 14.23 4.03 5.34
CA TRP A 45 14.48 2.64 5.00
C TRP A 45 13.86 2.29 3.65
N HIS A 46 14.67 2.35 2.60
CA HIS A 46 14.21 2.15 1.22
C HIS A 46 13.05 3.10 0.92
N GLY A 47 13.21 4.34 1.35
CA GLY A 47 12.14 5.32 1.27
C GLY A 47 11.67 5.68 2.66
N ASP A 48 10.54 6.38 2.74
CA ASP A 48 10.00 6.80 4.02
C ASP A 48 9.28 5.68 4.75
N VAL A 49 9.59 5.52 6.03
CA VAL A 49 8.89 4.57 6.88
C VAL A 49 8.47 5.23 8.18
N ALA A 50 7.70 4.49 8.98
CA ALA A 50 7.35 4.92 10.32
C ALA A 50 7.81 3.85 11.29
N VAL A 51 8.47 4.27 12.35
CA VAL A 51 9.00 3.34 13.34
C VAL A 51 8.35 3.56 14.70
N LYS A 52 7.67 2.55 15.22
CA LYS A 52 7.13 2.63 16.57
C LYS A 52 7.99 1.85 17.56
N MET A 53 8.86 2.57 18.26
CA MET A 53 9.72 1.97 19.26
C MET A 53 8.94 1.67 20.55
N LEU A 54 8.97 0.41 20.97
CA LEU A 54 8.24 0.00 22.17
C LEU A 54 8.78 0.66 23.44
N ASN A 55 7.88 0.88 24.39
CA ASN A 55 8.27 1.39 25.71
C ASN A 55 9.01 0.29 26.47
N VAL A 56 10.19 -0.06 25.96
CA VAL A 56 10.96 -1.18 26.50
C VAL A 56 12.42 -1.03 26.11
N THR A 57 13.31 -1.41 27.01
CA THR A 57 14.74 -1.32 26.73
C THR A 57 15.37 -2.69 26.57
N ALA A 58 15.23 -3.52 27.59
CA ALA A 58 15.96 -4.77 27.68
C ALA A 58 15.41 -5.86 26.76
N PRO A 59 16.28 -6.79 26.32
CA PRO A 59 15.85 -7.97 25.56
C PRO A 59 15.29 -9.03 26.49
N THR A 60 14.16 -8.73 27.15
CA THR A 60 13.51 -9.69 28.02
C THR A 60 12.98 -10.86 27.20
N PRO A 61 13.57 -12.05 27.39
CA PRO A 61 13.29 -13.24 26.56
C PRO A 61 11.82 -13.64 26.49
N GLN A 62 11.07 -13.40 27.56
CA GLN A 62 9.68 -13.82 27.62
C GLN A 62 8.72 -12.79 27.04
N GLN A 63 9.04 -11.51 27.21
CA GLN A 63 8.24 -10.47 26.59
C GLN A 63 8.66 -10.29 25.13
N LEU A 64 9.82 -10.85 24.79
CA LEU A 64 10.30 -10.89 23.42
C LEU A 64 9.35 -11.68 22.54
N GLN A 65 9.03 -12.89 23.00
CA GLN A 65 8.09 -13.75 22.29
C GLN A 65 6.72 -13.07 22.21
N ALA A 66 6.34 -12.43 23.32
CA ALA A 66 5.08 -11.70 23.40
C ALA A 66 5.04 -10.60 22.36
N PHE A 67 6.20 -9.97 22.14
CA PHE A 67 6.32 -8.97 21.10
C PHE A 67 6.20 -9.61 19.73
N LYS A 68 6.90 -10.73 19.56
CA LYS A 68 6.92 -11.41 18.28
C LYS A 68 5.53 -11.91 17.88
N ASN A 69 4.74 -12.30 18.87
CA ASN A 69 3.38 -12.77 18.62
C ASN A 69 2.55 -11.68 17.96
N GLU A 70 2.72 -10.46 18.42
CA GLU A 70 2.00 -9.31 17.87
C GLU A 70 2.46 -9.00 16.46
N VAL A 71 3.72 -9.32 16.17
CA VAL A 71 4.25 -9.17 14.81
C VAL A 71 3.55 -10.16 13.90
N GLY A 72 3.38 -11.38 14.40
CA GLY A 72 2.69 -12.43 13.68
C GLY A 72 1.28 -12.02 13.29
N VAL A 73 0.62 -11.28 14.18
CA VAL A 73 -0.72 -10.78 13.90
C VAL A 73 -0.68 -9.68 12.84
N LEU A 74 0.35 -8.84 12.90
CA LEU A 74 0.49 -7.75 11.94
C LEU A 74 0.82 -8.27 10.54
N ARG A 75 1.61 -9.33 10.49
CA ARG A 75 2.13 -9.82 9.21
C ARG A 75 1.11 -10.69 8.48
N LYS A 76 -0.13 -10.69 8.97
CA LYS A 76 -1.21 -11.38 8.29
C LYS A 76 -2.17 -10.37 7.68
N THR A 77 -1.73 -9.13 7.58
CA THR A 77 -2.57 -8.06 7.05
C THR A 77 -2.03 -7.49 5.74
N ARG A 78 -2.62 -7.91 4.63
CA ARG A 78 -2.25 -7.38 3.32
C ARG A 78 -3.47 -6.77 2.64
N HIS A 79 -3.89 -5.61 3.13
CA HIS A 79 -5.04 -4.91 2.57
C HIS A 79 -4.67 -3.45 2.36
N VAL A 80 -5.27 -2.84 1.34
CA VAL A 80 -4.98 -1.45 0.98
C VAL A 80 -5.39 -0.48 2.09
N ASN A 81 -6.47 -0.78 2.78
CA ASN A 81 -6.99 0.12 3.81
C ASN A 81 -6.44 -0.17 5.21
N ILE A 82 -5.52 -1.12 5.29
CA ILE A 82 -4.80 -1.37 6.53
C ILE A 82 -3.38 -0.87 6.40
N LEU A 83 -2.92 -0.11 7.40
CA LEU A 83 -1.58 0.44 7.40
C LEU A 83 -0.56 -0.65 7.13
N LEU A 84 0.33 -0.40 6.17
CA LEU A 84 1.21 -1.46 5.69
C LEU A 84 2.36 -1.78 6.62
N PHE A 85 2.26 -2.94 7.27
CA PHE A 85 3.35 -3.50 8.03
C PHE A 85 4.50 -3.80 7.08
N MET A 86 5.72 -3.47 7.49
CA MET A 86 6.87 -3.60 6.60
C MET A 86 8.00 -4.41 7.22
N GLY A 87 8.07 -4.38 8.55
CA GLY A 87 9.09 -5.14 9.26
C GLY A 87 9.20 -4.74 10.72
N TYR A 88 10.09 -5.40 11.43
CA TYR A 88 10.32 -5.08 12.84
C TYR A 88 11.82 -5.09 13.18
N SER A 89 12.18 -4.35 14.21
CA SER A 89 13.55 -4.33 14.71
C SER A 89 13.63 -4.81 16.15
N THR A 90 14.81 -5.26 16.55
CA THR A 90 15.02 -5.84 17.87
C THR A 90 16.22 -5.21 18.60
N LYS A 91 17.25 -4.85 17.86
CA LYS A 91 18.52 -4.44 18.47
C LYS A 91 18.62 -2.97 18.95
N PRO A 92 18.27 -2.00 18.08
CA PRO A 92 18.39 -0.63 18.58
C PRO A 92 17.19 -0.21 19.43
N GLN A 93 16.39 -1.21 19.82
CA GLN A 93 15.14 -1.15 20.61
C GLN A 93 14.11 -1.96 19.86
N LEU A 94 13.09 -2.43 20.57
CA LEU A 94 11.99 -3.14 19.93
C LEU A 94 11.16 -2.15 19.15
N ALA A 95 10.83 -2.48 17.91
CA ALA A 95 10.17 -1.52 17.03
C ALA A 95 9.28 -2.16 15.99
N ILE A 96 8.19 -1.47 15.67
CA ILE A 96 7.34 -1.83 14.55
C ILE A 96 7.60 -0.86 13.41
N VAL A 97 7.86 -1.38 12.22
CA VAL A 97 8.12 -0.54 11.06
C VAL A 97 6.99 -0.67 10.04
N THR A 98 6.41 0.46 9.66
CA THR A 98 5.33 0.48 8.69
C THR A 98 5.59 1.51 7.60
N GLN A 99 4.65 1.62 6.66
CA GLN A 99 4.70 2.65 5.65
C GLN A 99 4.57 4.02 6.29
N TRP A 100 4.97 5.06 5.55
CA TRP A 100 4.77 6.42 6.02
C TRP A 100 3.50 6.99 5.40
N CYS A 101 2.71 7.68 6.22
CA CYS A 101 1.48 8.30 5.76
C CYS A 101 1.69 9.80 5.62
N GLU A 102 1.28 10.33 4.48
CA GLU A 102 1.30 11.76 4.26
C GLU A 102 -0.04 12.33 4.70
N GLY A 103 -0.01 13.51 5.32
CA GLY A 103 -1.23 14.16 5.77
C GLY A 103 -1.49 13.94 7.25
N SER A 104 -2.76 14.02 7.63
CA SER A 104 -3.13 13.91 9.04
C SER A 104 -4.15 12.80 9.26
N SER A 105 -4.53 12.61 10.52
CA SER A 105 -5.49 11.60 10.89
C SER A 105 -6.91 12.04 10.54
N LEU A 106 -7.87 11.13 10.62
CA LEU A 106 -9.26 11.47 10.38
C LEU A 106 -9.77 12.41 11.48
N TYR A 107 -9.19 12.27 12.67
CA TYR A 107 -9.54 13.12 13.80
C TYR A 107 -9.16 14.57 13.53
N HIS A 108 -8.00 14.76 12.90
CA HIS A 108 -7.50 16.10 12.63
C HIS A 108 -8.34 16.83 11.58
N HIS A 109 -8.77 16.11 10.55
CA HIS A 109 -9.61 16.71 9.52
C HIS A 109 -10.98 17.12 10.07
N LEU A 110 -11.62 16.19 10.77
CA LEU A 110 -12.95 16.41 11.34
C LEU A 110 -12.95 17.48 12.43
N HIS A 111 -11.98 17.43 13.31
CA HIS A 111 -12.04 18.21 14.54
C HIS A 111 -10.94 19.25 14.71
N ALA A 112 -9.84 19.12 13.99
CA ALA A 112 -8.69 19.98 14.26
C ALA A 112 -8.29 20.84 13.07
N SER A 113 -8.91 20.62 11.93
CA SER A 113 -8.61 21.39 10.74
C SER A 113 -9.82 22.19 10.33
N GLU A 114 -10.99 21.78 10.81
CA GLU A 114 -12.27 22.37 10.46
C GLU A 114 -12.53 22.28 8.96
N THR A 115 -11.73 21.46 8.27
CA THR A 115 -11.77 21.37 6.82
C THR A 115 -13.11 20.82 6.34
N LYS A 116 -13.71 21.51 5.39
CA LYS A 116 -14.98 21.08 4.82
C LYS A 116 -14.77 19.95 3.83
N PHE A 117 -15.36 18.79 4.10
CA PHE A 117 -15.35 17.68 3.16
C PHE A 117 -16.70 17.63 2.47
N GLU A 118 -16.70 17.41 1.16
CA GLU A 118 -17.95 17.19 0.46
C GLU A 118 -18.54 15.89 0.98
N MET A 119 -19.86 15.79 0.96
CA MET A 119 -20.57 14.63 1.50
C MET A 119 -20.17 13.35 0.79
N LYS A 120 -19.73 13.48 -0.46
CA LYS A 120 -19.29 12.34 -1.27
C LYS A 120 -18.02 11.68 -0.73
N LYS A 121 -17.13 12.50 -0.17
CA LYS A 121 -15.89 11.99 0.39
C LYS A 121 -16.14 11.22 1.68
N LEU A 122 -17.01 11.76 2.52
CA LEU A 122 -17.33 11.17 3.82
C LEU A 122 -17.77 9.72 3.70
N ILE A 123 -18.67 9.46 2.76
CA ILE A 123 -19.19 8.12 2.56
C ILE A 123 -18.07 7.20 2.08
N ASP A 124 -17.22 7.75 1.21
CA ASP A 124 -16.09 7.00 0.68
C ASP A 124 -15.15 6.59 1.81
N ILE A 125 -14.85 7.55 2.68
CA ILE A 125 -13.97 7.30 3.83
C ILE A 125 -14.55 6.22 4.73
N ALA A 126 -15.86 6.29 4.96
CA ALA A 126 -16.56 5.28 5.73
C ALA A 126 -16.49 3.94 5.00
N ARG A 127 -16.67 3.99 3.69
CA ARG A 127 -16.59 2.81 2.85
C ARG A 127 -15.20 2.21 2.93
N GLN A 128 -14.19 3.07 2.86
CA GLN A 128 -12.80 2.62 2.98
C GLN A 128 -12.53 2.04 4.35
N THR A 129 -13.05 2.68 5.40
CA THR A 129 -12.85 2.22 6.76
C THR A 129 -13.52 0.86 6.96
N ALA A 130 -14.70 0.71 6.37
CA ALA A 130 -15.44 -0.53 6.46
C ALA A 130 -14.75 -1.65 5.68
N ARG A 131 -14.05 -1.28 4.62
CA ARG A 131 -13.27 -2.23 3.85
C ARG A 131 -12.12 -2.77 4.68
N GLY A 132 -11.42 -1.86 5.35
CA GLY A 132 -10.35 -2.26 6.25
C GLY A 132 -10.87 -3.06 7.44
N MET A 133 -11.98 -2.59 8.02
CA MET A 133 -12.54 -3.27 9.20
C MET A 133 -13.09 -4.66 8.90
N ASP A 134 -13.70 -4.83 7.74
CA ASP A 134 -14.24 -6.12 7.35
C ASP A 134 -13.10 -7.12 7.16
N TYR A 135 -12.02 -6.65 6.53
CA TYR A 135 -10.87 -7.50 6.27
C TYR A 135 -10.26 -8.05 7.55
N LEU A 136 -10.13 -7.21 8.57
CA LEU A 136 -9.60 -7.65 9.86
C LEU A 136 -10.49 -8.70 10.50
N HIS A 137 -11.80 -8.53 10.37
CA HIS A 137 -12.75 -9.53 10.87
C HIS A 137 -12.65 -10.82 10.08
N ALA A 138 -12.47 -10.72 8.77
CA ALA A 138 -12.28 -11.88 7.92
C ALA A 138 -11.07 -12.67 8.36
N LYS A 139 -10.01 -11.96 8.71
CA LYS A 139 -8.80 -12.58 9.24
C LYS A 139 -8.94 -12.84 10.74
N SER A 140 -10.15 -12.68 11.24
CA SER A 140 -10.47 -12.89 12.66
C SER A 140 -9.63 -12.02 13.58
N ILE A 141 -9.51 -10.74 13.25
CA ILE A 141 -8.75 -9.81 14.06
C ILE A 141 -9.63 -8.72 14.65
N ILE A 142 -9.71 -8.69 15.97
CA ILE A 142 -10.42 -7.63 16.68
C ILE A 142 -9.48 -6.44 16.88
N HIS A 143 -9.85 -5.29 16.34
CA HIS A 143 -9.01 -4.09 16.45
C HIS A 143 -8.81 -3.66 17.90
N ARG A 144 -9.90 -3.67 18.66
CA ARG A 144 -9.91 -3.30 20.08
C ARG A 144 -9.84 -1.79 20.38
N ASP A 145 -9.48 -0.98 19.39
CA ASP A 145 -9.41 0.46 19.61
C ASP A 145 -9.50 1.19 18.29
N LEU A 146 -10.65 1.05 17.63
CA LEU A 146 -10.87 1.75 16.36
C LEU A 146 -11.51 3.12 16.54
N LYS A 147 -10.72 4.15 16.30
CA LYS A 147 -11.21 5.52 16.38
C LYS A 147 -10.57 6.37 15.29
N SER A 148 -11.07 7.59 15.12
CA SER A 148 -10.61 8.49 14.07
C SER A 148 -9.13 8.85 14.22
N ASN A 149 -8.60 8.67 15.41
CA ASN A 149 -7.17 8.89 15.66
C ASN A 149 -6.32 7.80 15.01
N ASN A 150 -6.88 6.59 14.95
CA ASN A 150 -6.16 5.46 14.37
C ASN A 150 -6.52 5.26 12.90
N ILE A 151 -7.17 6.26 12.32
CA ILE A 151 -7.48 6.26 10.89
C ILE A 151 -6.67 7.35 10.20
N PHE A 152 -5.63 6.94 9.50
CA PHE A 152 -4.76 7.87 8.80
C PHE A 152 -5.18 7.99 7.34
N LEU A 153 -5.34 9.21 6.85
CA LEU A 153 -5.72 9.41 5.45
C LEU A 153 -4.48 9.77 4.65
N HIS A 154 -4.00 8.84 3.85
CA HIS A 154 -2.78 9.08 3.09
C HIS A 154 -3.13 9.93 1.89
N GLU A 155 -2.45 11.08 1.80
CA GLU A 155 -2.72 12.09 0.77
C GLU A 155 -4.19 12.48 0.72
N ASP A 156 -4.86 12.34 1.87
CA ASP A 156 -6.23 12.73 2.05
C ASP A 156 -7.19 12.01 1.14
N ASN A 157 -6.82 10.81 0.69
CA ASN A 157 -7.70 10.01 -0.13
C ASN A 157 -7.89 8.62 0.46
N THR A 158 -6.79 8.05 0.93
CA THR A 158 -6.75 6.64 1.27
C THR A 158 -6.70 6.38 2.77
N VAL A 159 -7.65 5.60 3.25
CA VAL A 159 -7.72 5.26 4.67
C VAL A 159 -6.70 4.19 5.04
N LYS A 160 -5.92 4.46 6.08
CA LYS A 160 -5.03 3.46 6.66
C LYS A 160 -5.35 3.28 8.13
N ILE A 161 -5.81 2.09 8.50
CA ILE A 161 -6.16 1.80 9.88
C ILE A 161 -5.00 1.18 10.64
N GLY A 162 -4.64 1.77 11.79
CA GLY A 162 -3.54 1.28 12.58
C GLY A 162 -3.85 1.17 14.06
N ASP A 163 -2.81 0.98 14.87
CA ASP A 163 -2.91 0.85 16.32
C ASP A 163 -3.82 -0.31 16.74
N PHE A 164 -3.63 -1.47 16.10
CA PHE A 164 -4.33 -2.67 16.51
C PHE A 164 -3.35 -3.80 16.83
N GLY A 165 -2.08 -3.46 16.94
CA GLY A 165 -1.05 -4.42 17.31
C GLY A 165 -0.30 -4.01 18.56
N SER A 183 -9.23 4.64 31.48
CA SER A 183 -8.05 5.49 31.32
C SER A 183 -7.70 5.64 29.84
N GLY A 184 -8.71 5.51 28.99
CA GLY A 184 -8.48 5.55 27.56
C GLY A 184 -9.57 6.28 26.80
N SER A 185 -9.70 5.97 25.51
CA SER A 185 -10.67 6.64 24.64
C SER A 185 -12.05 6.04 24.82
N ILE A 186 -12.83 6.63 25.71
CA ILE A 186 -14.13 6.05 26.06
C ILE A 186 -15.24 6.39 25.07
N LEU A 187 -15.00 7.37 24.21
CA LEU A 187 -16.02 7.84 23.29
C LEU A 187 -16.42 6.79 22.25
N TRP A 188 -15.48 5.91 21.91
CA TRP A 188 -15.72 4.87 20.93
C TRP A 188 -15.98 3.54 21.60
N MET A 189 -16.05 3.55 22.92
CA MET A 189 -16.20 2.33 23.71
C MET A 189 -17.65 1.88 23.84
N ALA A 190 -17.89 0.61 23.49
CA ALA A 190 -19.22 0.00 23.60
C ALA A 190 -19.60 -0.15 25.07
N PRO A 191 -20.92 -0.12 25.35
CA PRO A 191 -21.41 -0.26 26.72
C PRO A 191 -20.86 -1.49 27.44
N GLU A 192 -20.82 -2.63 26.74
CA GLU A 192 -20.38 -3.88 27.34
C GLU A 192 -18.88 -3.88 27.67
N VAL A 193 -18.12 -3.07 26.94
CA VAL A 193 -16.69 -2.95 27.18
C VAL A 193 -16.44 -2.13 28.43
N ILE A 194 -17.26 -1.10 28.64
CA ILE A 194 -17.10 -0.18 29.76
C ILE A 194 -17.30 -0.86 31.12
N ARG A 195 -18.21 -1.83 31.18
CA ARG A 195 -18.47 -2.52 32.43
C ARG A 195 -17.87 -3.93 32.50
N MET A 196 -16.83 -4.17 31.72
CA MET A 196 -16.12 -5.45 31.69
C MET A 196 -17.06 -6.62 31.41
N ASN A 200 -15.61 -12.39 28.01
CA ASN A 200 -14.90 -11.65 26.98
C ASN A 200 -15.76 -10.53 26.40
N PRO A 201 -15.52 -9.29 26.82
CA PRO A 201 -16.28 -8.13 26.34
C PRO A 201 -15.72 -7.56 25.04
N TYR A 202 -14.47 -7.88 24.73
CA TYR A 202 -13.86 -7.44 23.48
C TYR A 202 -14.19 -8.43 22.36
N SER A 203 -14.95 -7.96 21.37
CA SER A 203 -15.42 -8.84 20.31
C SER A 203 -15.61 -8.08 19.02
N PHE A 204 -16.09 -8.77 17.99
CA PHE A 204 -16.33 -8.13 16.70
C PHE A 204 -17.49 -7.16 16.79
N GLN A 205 -18.32 -7.32 17.81
CA GLN A 205 -19.46 -6.43 18.02
C GLN A 205 -19.00 -5.06 18.51
N SER A 206 -17.99 -5.05 19.39
CA SER A 206 -17.48 -3.80 19.96
C SER A 206 -16.78 -2.95 18.92
N ASP A 207 -16.14 -3.60 17.94
CA ASP A 207 -15.55 -2.88 16.81
C ASP A 207 -16.64 -2.23 15.97
N VAL A 208 -17.78 -2.90 15.88
CA VAL A 208 -18.93 -2.37 15.16
C VAL A 208 -19.46 -1.08 15.80
N TYR A 209 -19.52 -1.07 17.13
CA TYR A 209 -19.94 0.12 17.86
C TYR A 209 -18.96 1.27 17.63
N ALA A 210 -17.67 0.94 17.63
CA ALA A 210 -16.62 1.93 17.44
C ALA A 210 -16.75 2.60 16.09
N PHE A 211 -17.16 1.83 15.09
CA PHE A 211 -17.34 2.34 13.74
C PHE A 211 -18.54 3.29 13.65
N GLY A 212 -19.58 3.02 14.43
CA GLY A 212 -20.74 3.88 14.48
C GLY A 212 -20.40 5.28 14.92
N ILE A 213 -19.53 5.37 15.92
CA ILE A 213 -19.04 6.64 16.43
C ILE A 213 -18.21 7.33 15.35
N VAL A 214 -17.43 6.54 14.63
CA VAL A 214 -16.66 7.04 13.50
C VAL A 214 -17.61 7.64 12.48
N LEU A 215 -18.65 6.88 12.14
CA LEU A 215 -19.71 7.37 11.26
C LEU A 215 -20.38 8.63 11.79
N TYR A 216 -20.62 8.65 13.11
CA TYR A 216 -21.19 9.80 13.79
C TYR A 216 -20.34 11.04 13.59
N GLU A 217 -19.05 10.89 13.86
CA GLU A 217 -18.11 11.97 13.66
C GLU A 217 -18.18 12.48 12.24
N LEU A 218 -18.11 11.55 11.30
CA LEU A 218 -18.19 11.87 9.88
C LEU A 218 -19.51 12.54 9.51
N MET A 219 -20.62 12.02 10.05
CA MET A 219 -21.94 12.49 9.68
C MET A 219 -22.50 13.60 10.57
N THR A 220 -21.86 13.86 11.70
CA THR A 220 -22.27 14.96 12.56
C THR A 220 -21.24 16.08 12.55
N GLY A 221 -20.02 15.74 12.14
CA GLY A 221 -18.93 16.70 12.09
C GLY A 221 -18.22 16.84 13.41
N GLN A 222 -18.65 16.07 14.41
CA GLN A 222 -18.04 16.18 15.74
C GLN A 222 -18.19 14.92 16.58
N LEU A 223 -17.50 14.93 17.72
CA LEU A 223 -17.51 13.80 18.65
C LEU A 223 -18.83 13.75 19.41
N PRO A 224 -19.18 12.57 19.94
CA PRO A 224 -20.42 12.48 20.71
C PRO A 224 -20.24 12.96 22.14
N TYR A 225 -21.36 13.29 22.79
CA TYR A 225 -21.37 13.76 24.18
C TYR A 225 -20.50 14.99 24.35
N SER A 226 -20.48 15.82 23.31
CA SER A 226 -19.67 17.04 23.29
C SER A 226 -20.14 18.02 24.35
N ASN A 227 -21.45 18.06 24.57
CA ASN A 227 -22.02 18.96 25.56
C ASN A 227 -21.68 18.53 26.99
N ILE A 228 -21.62 17.22 27.20
CA ILE A 228 -21.25 16.67 28.49
C ILE A 228 -19.76 16.42 28.54
N ASN A 229 -19.01 17.41 29.02
CA ASN A 229 -17.57 17.24 29.16
C ASN A 229 -17.22 16.63 30.53
N ASN A 230 -17.61 15.37 30.72
CA ASN A 230 -17.31 14.64 31.94
C ASN A 230 -17.06 13.16 31.65
N ARG A 231 -15.80 12.76 31.72
CA ARG A 231 -15.40 11.38 31.44
C ARG A 231 -16.12 10.37 32.31
N ASP A 232 -16.10 10.58 33.62
CA ASP A 232 -16.74 9.68 34.56
C ASP A 232 -18.24 9.58 34.33
N GLN A 233 -18.84 10.71 34.00
CA GLN A 233 -20.28 10.76 33.74
C GLN A 233 -20.63 9.88 32.56
N ILE A 234 -19.90 10.06 31.47
CA ILE A 234 -20.12 9.31 30.24
C ILE A 234 -19.95 7.81 30.48
N ILE A 235 -18.89 7.47 31.21
CA ILE A 235 -18.60 6.08 31.54
C ILE A 235 -19.76 5.42 32.25
N GLU A 236 -20.33 6.14 33.22
CA GLU A 236 -21.44 5.63 33.99
C GLU A 236 -22.75 5.61 33.20
N MET A 237 -22.99 6.68 32.43
CA MET A 237 -24.24 6.81 31.70
C MET A 237 -24.34 5.94 30.44
N VAL A 238 -23.27 5.93 29.65
CA VAL A 238 -23.25 5.08 28.46
C VAL A 238 -23.21 3.61 28.88
N GLY A 239 -22.58 3.36 30.03
CA GLY A 239 -22.49 2.02 30.58
C GLY A 239 -23.81 1.44 31.04
N ARG A 240 -24.66 2.28 31.62
CA ARG A 240 -25.95 1.81 32.13
C ARG A 240 -27.06 1.89 31.09
N GLY A 241 -26.73 2.46 29.94
CA GLY A 241 -27.69 2.59 28.85
C GLY A 241 -28.48 3.87 28.92
N SER A 242 -28.05 4.78 29.79
CA SER A 242 -28.76 6.03 30.00
C SER A 242 -28.44 7.05 28.91
N LEU A 243 -27.24 6.95 28.35
CA LEU A 243 -26.80 7.91 27.33
C LEU A 243 -26.40 7.23 26.02
N SER A 244 -26.71 7.92 24.92
CA SER A 244 -26.37 7.46 23.59
C SER A 244 -26.10 8.71 22.75
N PRO A 245 -25.39 8.55 21.62
CA PRO A 245 -25.11 9.71 20.77
C PRO A 245 -26.39 10.36 20.24
N ASP A 246 -26.33 11.67 20.01
CA ASP A 246 -27.48 12.42 19.52
C ASP A 246 -27.44 12.57 18.00
N LEU A 247 -28.46 12.07 17.33
CA LEU A 247 -28.48 12.06 15.86
C LEU A 247 -29.15 13.30 15.27
N SER A 248 -29.53 14.24 16.12
CA SER A 248 -30.11 15.49 15.64
C SER A 248 -28.97 16.36 15.13
N LYS A 249 -27.76 15.94 15.44
CA LYS A 249 -26.56 16.70 15.11
C LYS A 249 -26.06 16.40 13.71
N VAL A 250 -26.58 15.33 13.09
CA VAL A 250 -26.25 15.04 11.71
C VAL A 250 -26.78 16.17 10.82
N ARG A 251 -26.05 16.46 9.75
CA ARG A 251 -26.43 17.54 8.85
C ARG A 251 -27.44 17.00 7.83
N SER A 252 -28.10 17.92 7.13
CA SER A 252 -29.13 17.54 6.16
C SER A 252 -28.57 16.75 4.99
N ASN A 253 -27.30 16.96 4.67
CA ASN A 253 -26.65 16.29 3.56
C ASN A 253 -26.61 14.76 3.73
N CYS A 254 -26.57 14.31 4.98
CA CYS A 254 -26.44 12.89 5.26
C CYS A 254 -27.60 12.09 4.71
N PRO A 255 -27.30 11.08 3.88
CA PRO A 255 -28.35 10.17 3.42
C PRO A 255 -28.96 9.43 4.60
N LYS A 256 -30.27 9.37 4.67
CA LYS A 256 -30.95 8.63 5.74
C LYS A 256 -30.86 7.13 5.48
N ARG A 257 -30.21 6.76 4.39
CA ARG A 257 -30.02 5.37 4.03
C ARG A 257 -29.00 4.72 4.96
N MET A 258 -27.99 5.48 5.35
CA MET A 258 -27.02 4.96 6.31
C MET A 258 -27.06 5.71 7.64
N LYS A 259 -27.90 6.74 7.71
CA LYS A 259 -28.19 7.39 8.99
C LYS A 259 -28.84 6.34 9.87
N ARG A 260 -29.57 5.42 9.22
CA ARG A 260 -30.12 4.26 9.88
C ARG A 260 -29.03 3.27 10.26
N LEU A 261 -27.96 3.24 9.46
CA LEU A 261 -26.88 2.30 9.65
C LEU A 261 -26.10 2.58 10.93
N MET A 262 -25.99 3.85 11.29
CA MET A 262 -25.37 4.23 12.55
C MET A 262 -26.11 3.59 13.70
N ALA A 263 -27.43 3.76 13.69
CA ALA A 263 -28.30 3.24 14.73
C ALA A 263 -28.05 1.75 14.97
N GLU A 264 -27.83 1.03 13.88
CA GLU A 264 -27.50 -0.39 13.94
C GLU A 264 -26.15 -0.58 14.61
N CYS A 265 -25.20 0.28 14.29
CA CYS A 265 -23.85 0.19 14.84
C CYS A 265 -23.83 0.63 16.30
N LEU A 266 -24.66 1.62 16.62
CA LEU A 266 -24.65 2.25 17.93
C LEU A 266 -25.57 1.58 18.94
N LYS A 267 -26.02 0.36 18.63
CA LYS A 267 -26.95 -0.34 19.51
C LYS A 267 -26.31 -0.79 20.82
N LYS A 268 -26.99 -0.52 21.92
CA LYS A 268 -26.53 -0.95 23.24
C LYS A 268 -26.54 -2.48 23.30
N LYS A 269 -27.49 -3.07 22.59
CA LYS A 269 -27.62 -4.52 22.51
C LYS A 269 -26.71 -5.04 21.40
N ARG A 270 -25.66 -5.76 21.78
CA ARG A 270 -24.59 -6.10 20.86
C ARG A 270 -24.99 -7.12 19.79
N ASP A 271 -25.96 -7.97 20.13
CA ASP A 271 -26.39 -9.04 19.24
C ASP A 271 -27.37 -8.52 18.20
N GLU A 272 -27.78 -7.27 18.38
CA GLU A 272 -28.71 -6.63 17.46
C GLU A 272 -27.92 -5.71 16.54
N ARG A 273 -26.61 -5.89 16.55
CA ARG A 273 -25.70 -5.14 15.69
C ARG A 273 -25.40 -5.92 14.42
N PRO A 274 -25.22 -5.21 13.30
CA PRO A 274 -24.85 -5.82 12.02
C PRO A 274 -23.40 -6.25 12.00
N SER A 275 -23.10 -7.35 11.33
CA SER A 275 -21.72 -7.76 11.12
C SER A 275 -21.10 -6.83 10.09
N PHE A 276 -19.77 -6.88 9.97
CA PHE A 276 -19.10 -6.00 9.01
C PHE A 276 -19.31 -6.32 7.53
N PRO A 277 -19.35 -7.60 7.15
CA PRO A 277 -19.74 -7.88 5.75
C PRO A 277 -21.12 -7.34 5.43
N ARG A 278 -22.06 -7.53 6.35
CA ARG A 278 -23.41 -6.98 6.22
C ARG A 278 -23.29 -5.46 6.11
N ILE A 279 -22.48 -4.89 6.99
CA ILE A 279 -22.21 -3.46 7.00
C ILE A 279 -21.57 -3.01 5.69
N LEU A 280 -20.58 -3.75 5.22
CA LEU A 280 -19.83 -3.37 4.02
C LEU A 280 -20.70 -3.27 2.78
N ALA A 281 -21.68 -4.17 2.67
CA ALA A 281 -22.55 -4.18 1.50
C ALA A 281 -23.42 -2.92 1.44
N GLU A 282 -24.04 -2.58 2.56
CA GLU A 282 -24.99 -1.48 2.62
C GLU A 282 -24.36 -0.12 2.31
N ILE A 283 -23.21 0.14 2.92
CA ILE A 283 -22.51 1.41 2.71
C ILE A 283 -22.11 1.61 1.26
N GLU A 284 -21.76 0.52 0.59
CA GLU A 284 -21.18 0.59 -0.74
C GLU A 284 -22.20 1.02 -1.81
N GLU A 285 -23.46 0.64 -1.62
CA GLU A 285 -24.53 0.94 -2.56
C GLU A 285 -24.81 2.45 -2.73
N LEU A 286 -24.09 3.28 -1.97
CA LEU A 286 -24.42 4.70 -1.88
C LEU A 286 -23.77 5.54 -2.97
N ALA A 287 -23.42 4.92 -4.09
CA ALA A 287 -22.86 5.70 -5.20
C ALA A 287 -22.93 5.02 -6.56
N ASP B 17 0.96 -19.65 8.88
CA ASP B 17 0.42 -18.60 8.02
C ASP B 17 0.11 -19.12 6.63
N ASP B 18 -1.01 -18.67 6.07
CA ASP B 18 -1.41 -19.04 4.72
C ASP B 18 -2.05 -17.86 4.00
N TRP B 19 -1.64 -17.63 2.75
CA TRP B 19 -2.18 -16.54 1.95
C TRP B 19 -3.16 -17.07 0.91
N GLU B 20 -3.55 -18.33 1.08
CA GLU B 20 -4.54 -18.95 0.20
C GLU B 20 -5.92 -18.35 0.41
N ILE B 21 -6.56 -18.01 -0.70
CA ILE B 21 -7.93 -17.53 -0.67
C ILE B 21 -8.84 -18.51 -1.39
N PRO B 22 -9.51 -19.40 -0.65
CA PRO B 22 -10.45 -20.34 -1.26
C PRO B 22 -11.60 -19.61 -1.94
N ASP B 23 -12.08 -20.16 -3.05
CA ASP B 23 -13.04 -19.46 -3.89
C ASP B 23 -14.44 -19.36 -3.30
N GLY B 24 -15.23 -18.47 -3.88
CA GLY B 24 -16.52 -18.12 -3.32
C GLY B 24 -16.45 -16.73 -2.72
N GLN B 25 -15.32 -16.45 -2.07
CA GLN B 25 -15.06 -15.13 -1.49
C GLN B 25 -14.88 -14.11 -2.61
N ILE B 26 -14.28 -14.56 -3.71
CA ILE B 26 -13.90 -13.67 -4.79
C ILE B 26 -15.00 -13.49 -5.84
N THR B 27 -15.40 -12.25 -6.06
CA THR B 27 -16.42 -11.93 -7.05
C THR B 27 -15.80 -11.26 -8.27
N VAL B 28 -15.50 -12.07 -9.28
CA VAL B 28 -14.83 -11.61 -10.48
C VAL B 28 -15.73 -10.72 -11.33
N GLY B 29 -15.13 -9.76 -12.03
CA GLY B 29 -15.89 -8.83 -12.85
C GLY B 29 -15.36 -8.63 -14.26
N GLN B 30 -15.06 -7.37 -14.59
CA GLN B 30 -14.63 -7.01 -15.93
C GLN B 30 -13.13 -7.14 -16.13
N ARG B 31 -12.74 -7.85 -17.19
CA ARG B 31 -11.33 -8.03 -17.53
C ARG B 31 -10.74 -6.78 -18.18
N ILE B 32 -9.43 -6.60 -18.01
CA ILE B 32 -8.72 -5.48 -18.60
C ILE B 32 -7.55 -5.95 -19.48
N GLY B 33 -6.93 -7.06 -19.09
CA GLY B 33 -5.85 -7.65 -19.86
C GLY B 33 -6.00 -9.15 -20.02
N SER B 34 -5.47 -9.70 -21.11
CA SER B 34 -5.66 -11.11 -21.43
C SER B 34 -4.40 -11.74 -22.03
N GLY B 35 -4.51 -13.00 -22.45
CA GLY B 35 -3.42 -13.69 -23.10
C GLY B 35 -3.21 -15.14 -22.69
N SER B 36 -1.94 -15.55 -22.60
CA SER B 36 -1.57 -16.91 -22.21
C SER B 36 -0.77 -16.91 -20.91
N PHE B 37 -0.84 -15.79 -20.19
CA PHE B 37 -0.10 -15.60 -18.96
C PHE B 37 -1.07 -15.58 -17.78
N GLY B 38 -2.34 -15.45 -18.12
CA GLY B 38 -3.39 -15.30 -17.15
C GLY B 38 -4.17 -14.04 -17.45
N THR B 39 -5.49 -14.16 -17.53
CA THR B 39 -6.34 -13.01 -17.75
C THR B 39 -6.47 -12.23 -16.44
N VAL B 40 -6.55 -10.91 -16.54
CA VAL B 40 -6.72 -10.09 -15.35
C VAL B 40 -8.08 -9.36 -15.28
N TYR B 41 -8.92 -9.83 -14.36
CA TYR B 41 -10.26 -9.30 -14.16
C TYR B 41 -10.28 -8.34 -12.97
N LYS B 42 -11.24 -7.42 -12.97
CA LYS B 42 -11.46 -6.59 -11.81
C LYS B 42 -12.51 -7.21 -10.90
N GLY B 43 -12.05 -7.82 -9.82
CA GLY B 43 -12.91 -8.46 -8.86
C GLY B 43 -13.21 -7.59 -7.65
N LYS B 44 -14.11 -8.06 -6.81
CA LYS B 44 -14.43 -7.37 -5.57
C LYS B 44 -14.26 -8.34 -4.40
N TRP B 45 -13.31 -8.05 -3.53
CA TRP B 45 -13.03 -8.89 -2.38
C TRP B 45 -12.63 -8.01 -1.21
N HIS B 46 -13.58 -7.79 -0.31
CA HIS B 46 -13.42 -6.82 0.78
C HIS B 46 -13.07 -5.46 0.20
N GLY B 47 -13.65 -5.16 -0.96
CA GLY B 47 -13.34 -3.95 -1.68
C GLY B 47 -12.83 -4.27 -3.08
N ASP B 48 -12.42 -3.23 -3.79
CA ASP B 48 -11.88 -3.41 -5.13
C ASP B 48 -10.56 -4.17 -5.10
N VAL B 49 -10.47 -5.23 -5.89
CA VAL B 49 -9.24 -6.02 -5.98
C VAL B 49 -8.94 -6.44 -7.41
N ALA B 50 -7.75 -7.03 -7.60
CA ALA B 50 -7.33 -7.50 -8.92
C ALA B 50 -6.93 -8.97 -8.89
N VAL B 51 -7.36 -9.69 -9.92
CA VAL B 51 -7.08 -11.12 -10.04
C VAL B 51 -6.52 -11.47 -11.41
N LYS B 52 -5.40 -12.18 -11.43
CA LYS B 52 -4.80 -12.63 -12.68
C LYS B 52 -4.93 -14.15 -12.74
N MET B 53 -5.84 -14.65 -13.58
CA MET B 53 -6.17 -16.07 -13.56
C MET B 53 -6.06 -16.80 -14.90
N LEU B 54 -5.63 -18.05 -14.84
CA LEU B 54 -5.49 -18.93 -15.99
C LEU B 54 -6.82 -19.56 -16.38
N ASN B 55 -7.33 -19.22 -17.56
CA ASN B 55 -8.62 -19.74 -18.04
C ASN B 55 -8.47 -21.12 -18.68
N VAL B 56 -7.97 -22.08 -17.91
CA VAL B 56 -7.62 -23.38 -18.47
C VAL B 56 -8.47 -24.50 -17.91
N THR B 57 -8.59 -25.58 -18.68
CA THR B 57 -9.25 -26.79 -18.20
C THR B 57 -8.47 -27.33 -17.01
N ALA B 58 -7.16 -27.35 -17.14
CA ALA B 58 -6.28 -27.82 -16.10
C ALA B 58 -4.87 -27.34 -16.37
N PRO B 59 -4.29 -26.60 -15.42
CA PRO B 59 -2.88 -26.24 -15.61
C PRO B 59 -2.01 -27.43 -15.27
N THR B 60 -1.89 -28.35 -16.21
CA THR B 60 -1.03 -29.52 -16.04
C THR B 60 0.35 -28.99 -15.73
N PRO B 61 0.83 -29.29 -14.50
CA PRO B 61 1.95 -28.65 -13.81
C PRO B 61 3.20 -28.41 -14.65
N GLN B 62 3.04 -27.55 -15.65
CA GLN B 62 4.17 -26.85 -16.26
C GLN B 62 4.00 -25.40 -15.84
N GLN B 63 2.73 -24.99 -15.74
CA GLN B 63 2.39 -23.68 -15.20
C GLN B 63 2.61 -23.66 -13.69
N LEU B 64 2.55 -24.83 -13.06
CA LEU B 64 2.54 -24.90 -11.60
C LEU B 64 3.82 -24.40 -10.93
N GLN B 65 4.90 -24.30 -11.68
CA GLN B 65 6.11 -23.70 -11.14
C GLN B 65 6.10 -22.19 -11.26
N ALA B 66 5.65 -21.70 -12.41
CA ALA B 66 5.57 -20.26 -12.65
C ALA B 66 4.70 -19.62 -11.58
N PHE B 67 3.56 -20.24 -11.34
CA PHE B 67 2.62 -19.78 -10.33
C PHE B 67 3.28 -19.79 -8.96
N LYS B 68 3.92 -20.90 -8.63
CA LYS B 68 4.50 -21.07 -7.31
C LYS B 68 5.67 -20.13 -7.05
N ASN B 69 6.42 -19.83 -8.10
CA ASN B 69 7.53 -18.89 -7.99
C ASN B 69 7.04 -17.48 -7.67
N GLU B 70 6.03 -17.03 -8.43
CA GLU B 70 5.47 -15.70 -8.23
C GLU B 70 4.87 -15.52 -6.85
N VAL B 71 4.23 -16.56 -6.32
CA VAL B 71 3.68 -16.52 -4.97
C VAL B 71 4.82 -16.41 -3.96
N GLY B 72 5.91 -17.11 -4.22
CA GLY B 72 7.07 -17.06 -3.36
C GLY B 72 7.75 -15.71 -3.34
N VAL B 73 7.82 -15.06 -4.50
CA VAL B 73 8.47 -13.75 -4.60
C VAL B 73 7.54 -12.63 -4.12
N LEU B 74 6.24 -12.79 -4.36
CA LEU B 74 5.28 -11.79 -3.92
C LEU B 74 5.08 -11.79 -2.41
N ARG B 75 5.00 -12.98 -1.82
CA ARG B 75 4.71 -13.11 -0.39
C ARG B 75 5.82 -12.50 0.47
N LYS B 76 6.95 -12.18 -0.16
CA LYS B 76 8.09 -11.65 0.56
C LYS B 76 8.33 -10.16 0.30
N THR B 77 7.31 -9.46 -0.18
CA THR B 77 7.41 -8.00 -0.34
C THR B 77 6.34 -7.27 0.47
N ARG B 78 6.74 -6.17 1.10
CA ARG B 78 5.83 -5.29 1.81
C ARG B 78 6.30 -3.85 1.71
N HIS B 79 6.04 -3.22 0.56
CA HIS B 79 6.53 -1.88 0.28
C HIS B 79 5.46 -1.08 -0.46
N VAL B 80 5.42 0.22 -0.20
CA VAL B 80 4.40 1.10 -0.75
C VAL B 80 4.53 1.24 -2.28
N ASN B 81 5.75 1.13 -2.79
CA ASN B 81 6.01 1.25 -4.22
C ASN B 81 6.08 -0.10 -4.94
N ILE B 82 5.68 -1.16 -4.23
CA ILE B 82 5.55 -2.48 -4.83
C ILE B 82 4.08 -2.91 -4.76
N LEU B 83 3.57 -3.44 -5.87
CA LEU B 83 2.17 -3.84 -5.98
C LEU B 83 1.76 -4.75 -4.84
N LEU B 84 0.59 -4.51 -4.26
CA LEU B 84 0.21 -5.22 -3.05
C LEU B 84 -0.42 -6.58 -3.32
N PHE B 85 0.35 -7.63 -3.06
CA PHE B 85 -0.12 -9.01 -3.19
C PHE B 85 -1.07 -9.34 -2.05
N MET B 86 -2.27 -9.78 -2.38
CA MET B 86 -3.30 -10.04 -1.38
C MET B 86 -3.64 -11.52 -1.18
N GLY B 87 -3.33 -12.37 -2.16
CA GLY B 87 -3.57 -13.80 -2.03
C GLY B 87 -3.37 -14.62 -3.29
N TYR B 88 -3.53 -15.94 -3.16
CA TYR B 88 -3.44 -16.85 -4.29
C TYR B 88 -4.58 -17.87 -4.30
N SER B 89 -4.59 -18.74 -5.31
CA SER B 89 -5.65 -19.75 -5.44
C SER B 89 -5.15 -21.04 -6.09
N THR B 90 -5.76 -22.16 -5.72
CA THR B 90 -5.36 -23.44 -6.28
C THR B 90 -6.54 -24.28 -6.74
N LYS B 91 -7.65 -24.19 -6.02
CA LYS B 91 -8.77 -25.10 -6.23
C LYS B 91 -9.35 -25.14 -7.64
N PRO B 92 -9.66 -23.97 -8.23
CA PRO B 92 -10.12 -24.03 -9.61
C PRO B 92 -9.04 -23.51 -10.55
N GLN B 93 -9.29 -22.35 -11.14
CA GLN B 93 -8.28 -21.66 -11.92
C GLN B 93 -7.15 -21.26 -10.98
N LEU B 94 -5.94 -21.20 -11.50
CA LEU B 94 -4.84 -20.60 -10.77
C LEU B 94 -4.98 -19.10 -10.85
N ALA B 95 -4.90 -18.43 -9.71
CA ALA B 95 -5.10 -16.99 -9.67
C ALA B 95 -4.18 -16.31 -8.67
N ILE B 96 -3.82 -15.07 -8.96
CA ILE B 96 -3.05 -14.24 -8.04
C ILE B 96 -3.85 -13.00 -7.67
N VAL B 97 -4.11 -12.84 -6.38
CA VAL B 97 -4.92 -11.74 -5.90
C VAL B 97 -4.03 -10.59 -5.43
N THR B 98 -4.15 -9.44 -6.09
CA THR B 98 -3.40 -8.25 -5.71
C THR B 98 -4.37 -7.10 -5.50
N GLN B 99 -3.84 -5.98 -4.99
CA GLN B 99 -4.66 -4.80 -4.77
C GLN B 99 -5.17 -4.29 -6.11
N TRP B 100 -6.29 -3.59 -6.09
CA TRP B 100 -6.76 -2.94 -7.30
C TRP B 100 -6.03 -1.62 -7.46
N CYS B 101 -5.75 -1.26 -8.71
CA CYS B 101 -5.03 -0.03 -8.99
C CYS B 101 -5.90 0.91 -9.80
N GLU B 102 -5.87 2.19 -9.44
CA GLU B 102 -6.71 3.18 -10.09
C GLU B 102 -5.86 4.14 -10.90
N GLY B 103 -5.92 3.98 -12.22
CA GLY B 103 -5.13 4.80 -13.11
C GLY B 103 -4.54 3.97 -14.22
N SER B 104 -3.56 4.54 -14.93
CA SER B 104 -2.92 3.84 -16.03
C SER B 104 -1.41 3.74 -15.77
N SER B 105 -0.73 3.01 -16.64
CA SER B 105 0.70 2.76 -16.48
C SER B 105 1.51 4.02 -16.78
N LEU B 106 2.80 3.97 -16.45
CA LEU B 106 3.70 5.07 -16.75
C LEU B 106 3.88 5.17 -18.26
N TYR B 107 3.77 4.02 -18.93
CA TYR B 107 3.88 3.95 -20.38
C TYR B 107 2.74 4.75 -21.01
N HIS B 108 1.54 4.56 -20.47
CA HIS B 108 0.35 5.28 -20.92
C HIS B 108 0.59 6.79 -20.85
N HIS B 109 1.03 7.26 -19.69
CA HIS B 109 1.20 8.69 -19.45
C HIS B 109 2.20 9.38 -20.37
N LEU B 110 3.41 8.84 -20.44
CA LEU B 110 4.45 9.42 -21.29
C LEU B 110 4.13 9.26 -22.78
N HIS B 111 3.70 8.06 -23.17
CA HIS B 111 3.61 7.73 -24.58
C HIS B 111 2.19 7.64 -25.13
N ALA B 112 1.33 6.89 -24.43
CA ALA B 112 -0.01 6.62 -24.96
C ALA B 112 -1.06 7.67 -24.57
N SER B 113 -0.70 8.58 -23.68
CA SER B 113 -1.64 9.63 -23.27
C SER B 113 -1.27 10.98 -23.87
N GLU B 114 0.00 11.14 -24.24
CA GLU B 114 0.56 12.42 -24.68
C GLU B 114 0.43 13.49 -23.59
N THR B 115 0.24 13.05 -22.35
CA THR B 115 0.23 13.95 -21.20
C THR B 115 1.65 14.41 -20.93
N LYS B 116 1.79 15.56 -20.27
CA LYS B 116 3.14 16.01 -19.90
C LYS B 116 3.25 16.43 -18.44
N PHE B 117 4.46 16.29 -17.92
CA PHE B 117 4.74 16.50 -16.50
C PHE B 117 5.73 17.63 -16.31
N GLU B 118 5.76 18.18 -15.09
CA GLU B 118 6.81 19.11 -14.71
C GLU B 118 8.05 18.30 -14.38
N MET B 119 9.19 18.97 -14.28
CA MET B 119 10.41 18.33 -13.82
C MET B 119 10.18 17.76 -12.43
N LYS B 120 9.48 18.55 -11.61
CA LYS B 120 9.17 18.20 -10.23
C LYS B 120 8.57 16.81 -10.09
N LYS B 121 7.55 16.51 -10.89
CA LYS B 121 6.90 15.23 -10.78
C LYS B 121 7.75 14.13 -11.38
N LEU B 122 8.40 14.44 -12.51
CA LEU B 122 9.21 13.46 -13.22
C LEU B 122 10.31 12.87 -12.34
N ILE B 123 11.00 13.73 -11.59
CA ILE B 123 12.06 13.29 -10.71
C ILE B 123 11.46 12.50 -9.53
N ASP B 124 10.26 12.87 -9.13
CA ASP B 124 9.56 12.17 -8.06
C ASP B 124 9.24 10.73 -8.46
N ILE B 125 8.77 10.55 -9.69
CA ILE B 125 8.42 9.22 -10.19
C ILE B 125 9.64 8.31 -10.25
N ALA B 126 10.78 8.88 -10.61
CA ALA B 126 12.04 8.14 -10.64
C ALA B 126 12.42 7.69 -9.23
N ARG B 127 12.26 8.59 -8.27
CA ARG B 127 12.57 8.31 -6.88
C ARG B 127 11.74 7.16 -6.33
N GLN B 128 10.43 7.26 -6.46
CA GLN B 128 9.53 6.21 -5.98
C GLN B 128 9.83 4.88 -6.65
N THR B 129 10.23 4.93 -7.91
CA THR B 129 10.60 3.72 -8.64
C THR B 129 11.92 3.18 -8.09
N ALA B 130 12.84 4.09 -7.80
CA ALA B 130 14.13 3.71 -7.23
C ALA B 130 13.97 3.09 -5.86
N ARG B 131 13.00 3.57 -5.09
CA ARG B 131 12.74 3.03 -3.76
C ARG B 131 12.31 1.57 -3.82
N GLY B 132 11.36 1.28 -4.70
CA GLY B 132 10.86 -0.07 -4.88
C GLY B 132 11.92 -1.01 -5.43
N MET B 133 12.68 -0.54 -6.40
CA MET B 133 13.75 -1.33 -6.99
C MET B 133 14.88 -1.58 -5.98
N ASP B 134 15.17 -0.58 -5.16
CA ASP B 134 16.16 -0.72 -4.11
C ASP B 134 15.68 -1.74 -3.08
N TYR B 135 14.38 -1.75 -2.84
CA TYR B 135 13.78 -2.68 -1.91
C TYR B 135 13.85 -4.11 -2.42
N LEU B 136 13.53 -4.30 -3.70
CA LEU B 136 13.56 -5.62 -4.31
C LEU B 136 14.95 -6.25 -4.24
N HIS B 137 15.95 -5.47 -4.63
CA HIS B 137 17.34 -5.95 -4.59
C HIS B 137 17.81 -6.24 -3.16
N ALA B 138 17.32 -5.46 -2.20
CA ALA B 138 17.68 -5.67 -0.80
C ALA B 138 17.11 -6.99 -0.28
N LYS B 139 15.98 -7.40 -0.84
CA LYS B 139 15.37 -8.69 -0.54
C LYS B 139 15.94 -9.78 -1.45
N SER B 140 17.03 -9.45 -2.16
CA SER B 140 17.69 -10.35 -3.10
C SER B 140 16.78 -10.79 -4.24
N ILE B 141 15.96 -9.86 -4.72
CA ILE B 141 15.01 -10.14 -5.79
C ILE B 141 15.41 -9.41 -7.08
N ILE B 142 15.46 -10.14 -8.18
CA ILE B 142 15.66 -9.54 -9.49
C ILE B 142 14.32 -9.46 -10.21
N HIS B 143 13.99 -8.28 -10.73
CA HIS B 143 12.72 -8.07 -11.41
C HIS B 143 12.75 -8.71 -12.79
N ARG B 144 13.85 -8.50 -13.51
CA ARG B 144 14.08 -9.09 -14.83
C ARG B 144 13.11 -8.61 -15.93
N ASP B 145 12.17 -7.74 -15.57
CA ASP B 145 11.19 -7.26 -16.53
C ASP B 145 10.70 -5.87 -16.15
N LEU B 146 11.64 -4.97 -15.88
CA LEU B 146 11.29 -3.61 -15.50
C LEU B 146 11.16 -2.70 -16.71
N LYS B 147 10.03 -1.99 -16.79
CA LYS B 147 9.75 -1.11 -17.90
C LYS B 147 8.60 -0.20 -17.52
N SER B 148 8.35 0.81 -18.34
CA SER B 148 7.31 1.78 -18.04
C SER B 148 5.93 1.15 -17.98
N ASN B 149 5.76 0.04 -18.69
CA ASN B 149 4.49 -0.67 -18.73
C ASN B 149 4.15 -1.34 -17.40
N ASN B 150 5.17 -1.77 -16.66
CA ASN B 150 4.97 -2.45 -15.38
C ASN B 150 4.93 -1.49 -14.20
N ILE B 151 5.11 -0.19 -14.48
CA ILE B 151 5.05 0.84 -13.46
C ILE B 151 3.69 1.51 -13.47
N PHE B 152 2.82 1.09 -12.56
CA PHE B 152 1.48 1.65 -12.46
C PHE B 152 1.51 2.97 -11.71
N LEU B 153 0.69 3.92 -12.17
CA LEU B 153 0.52 5.17 -11.45
C LEU B 153 -0.84 5.14 -10.74
N HIS B 154 -0.82 4.74 -9.49
CA HIS B 154 -2.02 4.63 -8.68
C HIS B 154 -2.30 5.96 -7.99
N GLU B 155 -3.58 6.31 -7.90
CA GLU B 155 -4.02 7.62 -7.40
C GLU B 155 -3.49 8.75 -8.27
N ASP B 156 -3.04 8.40 -9.48
CA ASP B 156 -2.55 9.36 -10.48
C ASP B 156 -1.14 9.89 -10.26
N ASN B 157 -0.50 9.54 -9.13
CA ASN B 157 0.84 10.04 -8.91
C ASN B 157 1.72 9.27 -7.92
N THR B 158 1.37 8.01 -7.66
CA THR B 158 2.17 7.18 -6.77
C THR B 158 2.56 5.87 -7.43
N VAL B 159 3.85 5.58 -7.42
CA VAL B 159 4.40 4.45 -8.17
C VAL B 159 4.07 3.07 -7.59
N LYS B 160 3.62 2.17 -8.46
CA LYS B 160 3.45 0.76 -8.11
C LYS B 160 4.20 -0.11 -9.10
N ILE B 161 5.14 -0.91 -8.59
CA ILE B 161 5.89 -1.82 -9.45
C ILE B 161 5.30 -3.23 -9.40
N GLY B 162 4.94 -3.75 -10.55
CA GLY B 162 4.30 -5.06 -10.61
C GLY B 162 4.74 -5.92 -11.78
N ASP B 163 3.84 -6.81 -12.20
CA ASP B 163 4.13 -7.76 -13.28
C ASP B 163 5.46 -8.48 -13.03
N PHE B 164 5.58 -9.06 -11.85
CA PHE B 164 6.78 -9.78 -11.44
C PHE B 164 7.09 -10.88 -12.44
N GLY B 165 6.30 -11.95 -12.42
CA GLY B 165 6.37 -13.00 -13.42
C GLY B 165 7.77 -13.51 -13.73
N LEU B 166 8.50 -12.75 -14.55
CA LEU B 166 9.88 -13.04 -14.88
C LEU B 166 10.80 -12.81 -13.66
N ALA B 167 10.21 -12.24 -12.60
CA ALA B 167 10.91 -12.09 -11.31
C ALA B 167 11.43 -13.44 -10.82
N THR B 168 12.42 -13.39 -9.93
CA THR B 168 13.06 -14.59 -9.39
C THR B 168 13.88 -14.20 -8.17
N GLU B 169 14.39 -15.17 -7.43
CA GLU B 169 15.18 -14.88 -6.24
C GLU B 169 15.99 -16.08 -5.80
N SER B 183 10.07 -10.55 -26.55
CA SER B 183 9.64 -9.59 -27.56
C SER B 183 8.73 -8.53 -26.96
N GLY B 184 8.91 -7.28 -27.41
CA GLY B 184 8.14 -6.17 -26.88
C GLY B 184 8.78 -5.57 -25.65
N SER B 185 9.57 -6.36 -24.94
CA SER B 185 10.31 -5.90 -23.78
C SER B 185 11.76 -5.64 -24.17
N ILE B 186 11.97 -5.43 -25.47
CA ILE B 186 13.32 -5.39 -26.02
C ILE B 186 14.10 -4.11 -25.68
N LEU B 187 13.39 -2.99 -25.55
CA LEU B 187 14.05 -1.69 -25.38
C LEU B 187 14.75 -1.53 -24.04
N TRP B 188 14.28 -2.26 -23.03
CA TRP B 188 14.81 -2.16 -21.67
C TRP B 188 15.83 -3.25 -21.42
N MET B 189 16.29 -3.88 -22.49
CA MET B 189 17.19 -5.01 -22.35
C MET B 189 18.65 -4.60 -22.53
N ALA B 190 19.47 -4.95 -21.53
CA ALA B 190 20.91 -4.68 -21.57
C ALA B 190 21.59 -5.67 -22.49
N PRO B 191 22.67 -5.24 -23.15
CA PRO B 191 23.48 -6.02 -24.08
C PRO B 191 23.73 -7.47 -23.64
N GLU B 192 24.22 -7.69 -22.42
CA GLU B 192 24.54 -9.03 -21.95
C GLU B 192 23.30 -9.92 -21.89
N VAL B 193 22.13 -9.31 -21.80
CA VAL B 193 20.90 -10.07 -21.89
C VAL B 193 20.55 -10.21 -23.37
N ILE B 194 20.76 -9.13 -24.10
CA ILE B 194 20.38 -9.07 -25.51
C ILE B 194 21.33 -9.82 -26.45
N ARG B 195 22.63 -9.78 -26.15
CA ARG B 195 23.61 -10.37 -27.06
C ARG B 195 23.66 -11.89 -26.98
N ASN B 200 23.16 -17.42 -16.91
CA ASN B 200 22.04 -16.50 -16.79
C ASN B 200 22.49 -15.06 -16.99
N PRO B 201 21.94 -14.39 -18.01
CA PRO B 201 22.29 -13.00 -18.31
C PRO B 201 21.72 -12.00 -17.30
N TYR B 202 20.51 -12.25 -16.82
CA TYR B 202 19.83 -11.34 -15.90
C TYR B 202 20.51 -11.20 -14.55
N SER B 203 20.61 -9.97 -14.07
CA SER B 203 21.21 -9.67 -12.77
C SER B 203 20.58 -8.42 -12.18
N PHE B 204 21.11 -7.96 -11.05
CA PHE B 204 20.70 -6.68 -10.49
C PHE B 204 21.09 -5.59 -11.47
N GLN B 205 22.17 -5.85 -12.20
CA GLN B 205 22.72 -4.94 -13.18
C GLN B 205 21.78 -4.73 -14.38
N SER B 206 21.07 -5.79 -14.75
CA SER B 206 20.11 -5.71 -15.85
C SER B 206 18.94 -4.84 -15.44
N ASP B 207 18.52 -5.00 -14.18
CA ASP B 207 17.47 -4.17 -13.61
C ASP B 207 17.92 -2.73 -13.61
N VAL B 208 19.20 -2.52 -13.31
CA VAL B 208 19.78 -1.18 -13.30
C VAL B 208 19.73 -0.57 -14.70
N TYR B 209 20.09 -1.36 -15.71
CA TYR B 209 20.06 -0.87 -17.08
C TYR B 209 18.65 -0.45 -17.48
N ALA B 210 17.68 -1.31 -17.19
CA ALA B 210 16.28 -1.03 -17.48
C ALA B 210 15.81 0.25 -16.78
N PHE B 211 16.37 0.50 -15.60
CA PHE B 211 16.05 1.69 -14.84
C PHE B 211 16.50 2.94 -15.58
N GLY B 212 17.67 2.87 -16.19
CA GLY B 212 18.20 3.97 -16.98
C GLY B 212 17.31 4.26 -18.17
N ILE B 213 16.73 3.21 -18.74
CA ILE B 213 15.82 3.37 -19.87
C ILE B 213 14.53 4.06 -19.42
N VAL B 214 14.03 3.66 -18.25
CA VAL B 214 12.86 4.30 -17.66
C VAL B 214 13.14 5.77 -17.35
N LEU B 215 14.35 6.04 -16.87
CA LEU B 215 14.76 7.43 -16.63
C LEU B 215 14.71 8.22 -17.93
N TYR B 216 15.15 7.57 -19.01
CA TYR B 216 15.16 8.18 -20.33
C TYR B 216 13.76 8.57 -20.79
N GLU B 217 12.79 7.71 -20.54
CA GLU B 217 11.40 8.01 -20.89
C GLU B 217 10.86 9.19 -20.09
N LEU B 218 11.28 9.30 -18.84
CA LEU B 218 10.84 10.41 -18.01
C LEU B 218 11.50 11.73 -18.40
N MET B 219 12.80 11.67 -18.70
CA MET B 219 13.54 12.90 -18.98
C MET B 219 13.50 13.32 -20.44
N THR B 220 12.90 12.50 -21.29
CA THR B 220 12.77 12.84 -22.71
C THR B 220 11.33 12.76 -23.18
N GLY B 221 10.54 11.90 -22.55
CA GLY B 221 9.17 11.67 -22.94
C GLY B 221 9.10 10.66 -24.08
N GLN B 222 10.26 10.27 -24.58
CA GLN B 222 10.32 9.42 -25.76
C GLN B 222 10.97 8.07 -25.50
N LEU B 223 10.59 7.08 -26.30
CA LEU B 223 11.18 5.77 -26.23
C LEU B 223 12.52 5.79 -26.94
N PRO B 224 13.48 4.95 -26.49
CA PRO B 224 14.80 4.93 -27.10
C PRO B 224 14.80 4.37 -28.52
N TYR B 225 15.79 4.78 -29.31
CA TYR B 225 15.99 4.28 -30.67
C TYR B 225 14.79 4.51 -31.58
N SER B 226 14.40 5.77 -31.74
CA SER B 226 13.29 6.12 -32.63
C SER B 226 13.70 5.97 -34.09
N ASN B 227 14.96 6.29 -34.37
CA ASN B 227 15.48 6.23 -35.74
C ASN B 227 15.75 4.80 -36.18
N ILE B 228 15.24 3.86 -35.39
CA ILE B 228 15.46 2.44 -35.67
C ILE B 228 14.16 1.67 -35.53
N ASN B 229 13.50 1.44 -36.67
CA ASN B 229 12.23 0.73 -36.66
C ASN B 229 12.42 -0.74 -37.05
N ASN B 230 13.63 -1.25 -36.85
CA ASN B 230 13.90 -2.66 -37.05
C ASN B 230 14.31 -3.33 -35.74
N ARG B 231 13.60 -4.38 -35.38
CA ARG B 231 13.91 -5.15 -34.19
C ARG B 231 15.30 -5.74 -34.33
N ASP B 232 15.65 -6.09 -35.56
CA ASP B 232 16.93 -6.72 -35.86
C ASP B 232 18.10 -5.75 -35.77
N GLN B 233 17.83 -4.46 -36.00
CA GLN B 233 18.84 -3.44 -35.86
C GLN B 233 19.23 -3.25 -34.40
N ILE B 234 18.23 -3.01 -33.55
CA ILE B 234 18.45 -2.82 -32.12
C ILE B 234 19.18 -4.01 -31.51
N ILE B 235 18.60 -5.20 -31.70
CA ILE B 235 19.07 -6.41 -31.04
C ILE B 235 20.54 -6.71 -31.35
N GLU B 236 20.98 -6.43 -32.57
CA GLU B 236 22.37 -6.64 -32.94
C GLU B 236 23.25 -5.51 -32.43
N MET B 237 22.81 -4.28 -32.66
CA MET B 237 23.62 -3.11 -32.36
C MET B 237 23.78 -2.87 -30.86
N VAL B 238 22.67 -2.92 -30.13
CA VAL B 238 22.73 -2.76 -28.68
C VAL B 238 23.56 -3.88 -28.08
N GLY B 239 23.41 -5.07 -28.64
CA GLY B 239 24.20 -6.21 -28.19
C GLY B 239 25.65 -6.06 -28.57
N ARG B 240 25.89 -5.49 -29.76
CA ARG B 240 27.25 -5.29 -30.25
C ARG B 240 27.97 -4.21 -29.44
N GLY B 241 27.22 -3.19 -29.04
CA GLY B 241 27.76 -2.10 -28.24
C GLY B 241 28.00 -0.82 -29.02
N SER B 242 27.28 -0.66 -30.11
CA SER B 242 27.39 0.55 -30.92
C SER B 242 26.11 1.37 -30.88
N LEU B 243 25.09 0.85 -30.20
CA LEU B 243 23.83 1.55 -30.06
C LEU B 243 23.59 1.95 -28.61
N SER B 244 23.20 3.20 -28.42
CA SER B 244 22.89 3.72 -27.09
C SER B 244 21.85 4.82 -27.24
N PRO B 245 21.06 5.06 -26.19
CA PRO B 245 20.02 6.10 -26.26
C PRO B 245 20.63 7.48 -26.47
N ASP B 246 19.90 8.33 -27.19
CA ASP B 246 20.38 9.68 -27.47
C ASP B 246 20.11 10.60 -26.28
N LEU B 247 21.17 10.95 -25.56
CA LEU B 247 21.04 11.78 -24.36
C LEU B 247 21.02 13.27 -24.70
N SER B 248 20.93 13.58 -25.99
CA SER B 248 20.75 14.95 -26.44
C SER B 248 19.27 15.32 -26.39
N LYS B 249 18.43 14.31 -26.20
CA LYS B 249 16.98 14.50 -26.24
C LYS B 249 16.38 14.84 -24.88
N VAL B 250 17.21 14.90 -23.84
CA VAL B 250 16.73 15.26 -22.51
C VAL B 250 16.17 16.68 -22.49
N ARG B 251 15.23 16.94 -21.59
CA ARG B 251 14.63 18.26 -21.49
C ARG B 251 15.63 19.32 -21.06
N SER B 252 15.31 20.57 -21.33
CA SER B 252 16.14 21.69 -20.89
C SER B 252 16.03 21.84 -19.37
N ASN B 253 14.84 21.60 -18.84
CA ASN B 253 14.61 21.69 -17.42
C ASN B 253 15.21 20.52 -16.63
N CYS B 254 15.60 19.47 -17.35
CA CYS B 254 16.19 18.29 -16.73
C CYS B 254 17.52 18.61 -16.04
N PRO B 255 17.70 18.10 -14.82
CA PRO B 255 18.94 18.28 -14.05
C PRO B 255 20.14 17.66 -14.74
N LYS B 256 21.30 18.26 -14.56
CA LYS B 256 22.54 17.77 -15.13
C LYS B 256 23.00 16.52 -14.37
N ARG B 257 22.54 16.40 -13.14
CA ARG B 257 22.85 15.23 -12.30
C ARG B 257 22.07 13.99 -12.74
N MET B 258 20.84 14.18 -13.17
CA MET B 258 20.02 13.07 -13.65
C MET B 258 20.58 12.50 -14.95
N LYS B 259 20.98 13.38 -15.86
CA LYS B 259 21.57 12.95 -17.12
C LYS B 259 22.87 12.20 -16.86
N ARG B 260 23.58 12.62 -15.83
CA ARG B 260 24.82 11.96 -15.43
C ARG B 260 24.52 10.60 -14.81
N LEU B 261 23.55 10.57 -13.92
CA LEU B 261 23.10 9.33 -13.27
C LEU B 261 22.63 8.32 -14.29
N MET B 262 21.88 8.80 -15.29
CA MET B 262 21.25 7.94 -16.27
C MET B 262 22.28 7.23 -17.13
N ALA B 263 23.32 7.96 -17.53
CA ALA B 263 24.39 7.41 -18.35
C ALA B 263 25.12 6.28 -17.63
N GLU B 264 25.11 6.34 -16.31
CA GLU B 264 25.77 5.33 -15.49
C GLU B 264 24.96 4.04 -15.44
N CYS B 265 23.64 4.17 -15.49
CA CYS B 265 22.77 3.00 -15.47
C CYS B 265 22.76 2.33 -16.84
N LEU B 266 23.16 3.08 -17.86
CA LEU B 266 23.09 2.60 -19.23
C LEU B 266 24.45 2.10 -19.73
N LYS B 267 25.39 1.94 -18.81
CA LYS B 267 26.73 1.48 -19.15
C LYS B 267 26.70 0.13 -19.87
N LYS B 268 27.40 0.06 -21.00
CA LYS B 268 27.43 -1.16 -21.81
C LYS B 268 28.04 -2.31 -21.02
N LYS B 269 28.92 -1.98 -20.09
CA LYS B 269 29.55 -2.99 -19.25
C LYS B 269 28.91 -3.06 -17.88
N ARG B 270 28.47 -4.26 -17.50
CA ARG B 270 27.79 -4.52 -16.24
C ARG B 270 28.48 -3.85 -15.04
N ASP B 271 29.76 -4.14 -14.88
CA ASP B 271 30.54 -3.68 -13.73
C ASP B 271 30.49 -2.18 -13.48
N GLU B 272 30.44 -1.38 -14.54
CA GLU B 272 30.47 0.07 -14.40
C GLU B 272 29.11 0.65 -13.99
N ARG B 273 28.10 -0.22 -13.90
CA ARG B 273 26.76 0.22 -13.50
C ARG B 273 26.66 0.26 -11.98
N PRO B 274 26.06 1.35 -11.45
CA PRO B 274 25.89 1.52 -10.01
C PRO B 274 24.82 0.61 -9.42
N SER B 275 24.72 0.59 -8.10
CA SER B 275 23.68 -0.17 -7.43
C SER B 275 22.65 0.82 -6.89
N PHE B 276 21.41 0.33 -6.72
CA PHE B 276 20.30 1.20 -6.32
C PHE B 276 20.46 2.05 -5.06
N PRO B 277 21.23 1.57 -4.07
CA PRO B 277 21.51 2.49 -2.94
C PRO B 277 22.16 3.78 -3.39
N ARG B 278 23.10 3.72 -4.33
CA ARG B 278 23.72 4.92 -4.87
C ARG B 278 22.76 5.63 -5.80
N ILE B 279 21.97 4.85 -6.54
CA ILE B 279 20.99 5.39 -7.45
C ILE B 279 19.94 6.21 -6.71
N LEU B 280 19.43 5.65 -5.62
CA LEU B 280 18.42 6.33 -4.82
C LEU B 280 19.00 7.56 -4.11
N ALA B 281 20.25 7.46 -3.68
CA ALA B 281 20.92 8.54 -2.98
C ALA B 281 21.04 9.81 -3.82
N GLU B 282 21.53 9.67 -5.05
CA GLU B 282 21.68 10.81 -5.95
C GLU B 282 20.33 11.43 -6.28
N ILE B 283 19.32 10.60 -6.45
CA ILE B 283 17.98 11.07 -6.79
C ILE B 283 17.40 11.91 -5.64
N GLU B 284 17.58 11.44 -4.42
CA GLU B 284 17.00 12.10 -3.25
C GLU B 284 17.47 13.53 -3.10
N GLU B 285 18.76 13.74 -3.32
CA GLU B 285 19.32 15.08 -3.22
C GLU B 285 18.68 16.01 -4.24
N LEU B 286 18.63 15.55 -5.49
CA LEU B 286 18.01 16.30 -6.58
C LEU B 286 16.59 16.74 -6.24
N ALA B 287 15.76 15.77 -5.85
CA ALA B 287 14.37 16.07 -5.52
C ALA B 287 14.27 17.11 -4.42
N ARG B 288 15.30 17.18 -3.58
CA ARG B 288 15.35 18.16 -2.50
C ARG B 288 16.08 19.42 -2.95
N GLU B 289 17.11 19.24 -3.77
CA GLU B 289 17.88 20.36 -4.28
C GLU B 289 17.01 21.31 -5.10
N LEU B 290 16.40 20.77 -6.16
CA LEU B 290 15.54 21.57 -7.04
C LEU B 290 14.25 20.84 -7.37
#